data_4KFZ
#
_entry.id   4KFZ
#
_cell.length_a   124.260
_cell.length_b   124.260
_cell.length_c   81.440
_cell.angle_alpha   90.00
_cell.angle_beta   90.00
_cell.angle_gamma   120.00
#
_symmetry.space_group_name_H-M   'P 6'
#
loop_
_entity.id
_entity.type
_entity.pdbx_description
1 polymer LMO-2
2 polymer 'Anti-LMO2 VH'
3 non-polymer 'ZINC ION'
#
loop_
_entity_poly.entity_id
_entity_poly.type
_entity_poly.pdbx_seq_one_letter_code
_entity_poly.pdbx_strand_id
1 'polypeptide(L)'
;SLDPSEEPVDEVLQIPPSLLTCGGCQQNIGDRYFLKAIDQYWHEDCLSCDLCGCRLGEVGRRLYYKLGRKLCRRDYLRLF
GQDGLCASCDKRIRAYEMTMRVKDKVYHLECFKCAACQKHFCVGDRYLLINSDIVCEQDIYEWTKINGMI
;
A,B
2 'polypeptide(L)'
;GGSMAEVQLLESGGGLVQPGGSLRLSCAASGFSFSHSPMNWVRQAPGKGLEWVSYISYNSSSIYYADSVKGRFTISRDNS
KNTLYLQMNSLRAEDTAVYYCARGLTESLELTADWFDYWGQGTLVTVSS
;
C,D
#
loop_
_chem_comp.id
_chem_comp.type
_chem_comp.name
_chem_comp.formula
ZN non-polymer 'ZINC ION' 'Zn 2'
#
# COMPACT_ATOMS: atom_id res chain seq x y z
N ASP A 3 -29.42 -13.41 -70.26
CA ASP A 3 -30.91 -13.37 -70.23
C ASP A 3 -31.41 -12.59 -69.02
N PRO A 4 -32.29 -11.59 -69.25
CA PRO A 4 -32.90 -10.85 -68.15
C PRO A 4 -33.85 -11.70 -67.29
N SER A 5 -34.44 -12.73 -67.91
CA SER A 5 -35.38 -13.63 -67.23
C SER A 5 -34.74 -14.49 -66.14
N GLU A 6 -33.44 -14.71 -66.25
CA GLU A 6 -32.69 -15.51 -65.27
C GLU A 6 -32.70 -14.84 -63.91
N GLU A 7 -33.24 -15.53 -62.92
CA GLU A 7 -33.26 -15.07 -61.53
C GLU A 7 -32.65 -16.13 -60.62
N PRO A 8 -31.67 -15.73 -59.78
CA PRO A 8 -30.93 -16.69 -58.95
C PRO A 8 -31.78 -17.32 -57.85
N VAL A 9 -31.51 -18.59 -57.55
CA VAL A 9 -32.12 -19.28 -56.42
C VAL A 9 -31.01 -19.63 -55.45
N ASP A 10 -30.99 -18.96 -54.31
CA ASP A 10 -29.92 -19.12 -53.34
C ASP A 10 -30.31 -20.01 -52.18
N GLU A 11 -29.37 -20.86 -51.77
CA GLU A 11 -29.51 -21.68 -50.56
C GLU A 11 -29.16 -20.85 -49.35
N VAL A 12 -30.02 -20.87 -48.35
CA VAL A 12 -29.78 -20.15 -47.10
C VAL A 12 -29.75 -21.14 -45.94
N LEU A 13 -28.68 -21.03 -45.14
CA LEU A 13 -28.52 -21.87 -43.97
C LEU A 13 -28.48 -20.97 -42.73
N GLN A 14 -29.62 -20.85 -42.06
CA GLN A 14 -29.74 -19.97 -40.90
C GLN A 14 -29.46 -20.69 -39.58
N ILE A 15 -29.18 -19.91 -38.54
CA ILE A 15 -29.07 -20.42 -37.19
C ILE A 15 -30.50 -20.73 -36.71
N PRO A 16 -30.75 -21.98 -36.28
CA PRO A 16 -32.10 -22.38 -35.89
C PRO A 16 -32.60 -21.57 -34.68
N PRO A 17 -33.85 -21.06 -34.75
CA PRO A 17 -34.45 -20.20 -33.72
C PRO A 17 -34.45 -20.80 -32.30
N SER A 18 -34.30 -22.12 -32.21
CA SER A 18 -34.24 -22.81 -30.92
C SER A 18 -32.90 -22.59 -30.22
N LEU A 19 -31.84 -22.45 -31.01
CA LEU A 19 -30.48 -22.27 -30.48
C LEU A 19 -30.21 -20.87 -29.96
N LEU A 20 -31.02 -19.90 -30.40
CA LEU A 20 -30.81 -18.50 -30.06
C LEU A 20 -31.27 -18.17 -28.65
N THR A 21 -30.64 -18.80 -27.66
CA THR A 21 -30.80 -18.43 -26.26
C THR A 21 -29.49 -17.79 -25.79
N CYS A 22 -29.63 -16.66 -25.11
CA CYS A 22 -28.49 -15.87 -24.68
C CYS A 22 -27.73 -16.53 -23.53
N GLY A 23 -26.41 -16.52 -23.63
CA GLY A 23 -25.55 -17.14 -22.61
C GLY A 23 -25.47 -16.33 -21.34
N GLY A 24 -25.96 -15.09 -21.38
CA GLY A 24 -25.88 -14.18 -20.25
C GLY A 24 -27.19 -13.92 -19.53
N CYS A 25 -28.32 -14.19 -20.17
CA CYS A 25 -29.63 -14.00 -19.55
C CYS A 25 -30.57 -15.20 -19.72
N GLN A 26 -30.13 -16.19 -20.51
CA GLN A 26 -30.88 -17.43 -20.73
C GLN A 26 -32.20 -17.26 -21.47
N GLN A 27 -32.38 -16.09 -22.09
CA GLN A 27 -33.61 -15.79 -22.81
C GLN A 27 -33.36 -15.78 -24.31
N ASN A 28 -34.45 -15.84 -25.09
CA ASN A 28 -34.39 -15.83 -26.55
C ASN A 28 -33.80 -14.54 -27.12
N ILE A 29 -33.05 -14.68 -28.22
CA ILE A 29 -32.52 -13.52 -28.94
C ILE A 29 -33.31 -13.32 -30.23
N GLY A 30 -34.21 -12.35 -30.22
CA GLY A 30 -35.00 -11.98 -31.41
C GLY A 30 -34.43 -10.80 -32.17
N ASP A 31 -33.26 -10.34 -31.72
CA ASP A 31 -32.58 -9.19 -32.34
C ASP A 31 -31.86 -9.60 -33.63
N ARG A 32 -31.78 -8.66 -34.57
CA ARG A 32 -31.00 -8.86 -35.79
C ARG A 32 -29.49 -8.88 -35.46
N TYR A 33 -29.06 -7.91 -34.67
CA TYR A 33 -27.66 -7.80 -34.27
C TYR A 33 -27.44 -8.41 -32.90
N PHE A 34 -26.57 -9.41 -32.85
CA PHE A 34 -26.14 -10.03 -31.58
C PHE A 34 -24.72 -10.57 -31.72
N LEU A 35 -24.20 -11.18 -30.66
CA LEU A 35 -22.80 -11.58 -30.61
C LEU A 35 -22.59 -13.09 -30.46
N LYS A 36 -21.51 -13.59 -31.06
CA LYS A 36 -21.04 -14.95 -30.84
C LYS A 36 -19.71 -14.90 -30.08
N ALA A 37 -19.61 -15.71 -29.03
CA ALA A 37 -18.40 -15.79 -28.22
C ALA A 37 -18.44 -17.02 -27.32
N ILE A 38 -17.25 -17.60 -27.10
CA ILE A 38 -17.06 -18.84 -26.31
C ILE A 38 -18.20 -19.87 -26.46
N ASP A 39 -18.44 -20.25 -27.71
CA ASP A 39 -19.43 -21.28 -28.07
C ASP A 39 -20.85 -20.95 -27.62
N GLN A 40 -21.13 -19.67 -27.46
CA GLN A 40 -22.46 -19.20 -27.04
C GLN A 40 -22.91 -17.98 -27.83
N TYR A 41 -24.21 -17.70 -27.80
CA TYR A 41 -24.75 -16.46 -28.37
C TYR A 41 -25.19 -15.52 -27.26
N TRP A 42 -25.07 -14.21 -27.51
CA TRP A 42 -25.39 -13.21 -26.50
C TRP A 42 -26.07 -12.01 -27.08
N HIS A 43 -26.96 -11.40 -26.30
CA HIS A 43 -27.42 -10.03 -26.56
C HIS A 43 -26.24 -9.12 -26.37
N GLU A 44 -26.16 -8.05 -27.16
CA GLU A 44 -25.01 -7.14 -27.08
C GLU A 44 -24.72 -6.58 -25.68
N ASP A 45 -25.77 -6.46 -24.86
CA ASP A 45 -25.64 -5.97 -23.49
C ASP A 45 -25.48 -7.09 -22.45
N CYS A 46 -25.39 -8.33 -22.91
CA CYS A 46 -25.31 -9.49 -22.02
C CYS A 46 -23.91 -10.10 -21.88
N LEU A 47 -22.97 -9.63 -22.70
CA LEU A 47 -21.59 -10.13 -22.65
C LEU A 47 -20.68 -9.12 -21.96
N SER A 48 -20.45 -9.33 -20.67
CA SER A 48 -19.77 -8.36 -19.83
C SER A 48 -18.50 -8.90 -19.19
N CYS A 49 -17.58 -7.99 -18.86
CA CYS A 49 -16.36 -8.33 -18.14
C CYS A 49 -16.72 -8.71 -16.70
N ASP A 50 -16.16 -9.83 -16.23
CA ASP A 50 -16.47 -10.31 -14.88
C ASP A 50 -15.95 -9.39 -13.78
N LEU A 51 -14.90 -8.63 -14.08
CA LEU A 51 -14.37 -7.68 -13.11
C LEU A 51 -15.10 -6.34 -13.18
N CYS A 52 -15.08 -5.70 -14.33
CA CYS A 52 -15.61 -4.33 -14.47
C CYS A 52 -17.01 -4.23 -15.06
N GLY A 53 -17.41 -5.23 -15.85
CA GLY A 53 -18.74 -5.27 -16.41
C GLY A 53 -18.93 -4.49 -17.70
N CYS A 54 -17.83 -4.23 -18.41
CA CYS A 54 -17.90 -3.58 -19.72
C CYS A 54 -18.23 -4.58 -20.82
N ARG A 55 -18.85 -4.11 -21.89
CA ARG A 55 -19.11 -4.92 -23.08
C ARG A 55 -17.77 -5.36 -23.68
N LEU A 56 -17.63 -6.67 -23.88
CA LEU A 56 -16.31 -7.30 -24.03
C LEU A 56 -15.56 -7.16 -25.36
N GLY A 57 -16.29 -7.16 -26.49
CA GLY A 57 -15.63 -7.13 -27.79
C GLY A 57 -15.76 -5.84 -28.56
N GLU A 58 -16.19 -4.78 -27.88
CA GLU A 58 -16.54 -3.51 -28.54
C GLU A 58 -15.44 -2.93 -29.43
N VAL A 59 -14.20 -2.99 -28.96
CA VAL A 59 -13.02 -2.62 -29.76
C VAL A 59 -12.07 -3.80 -29.75
N GLY A 60 -11.59 -4.20 -30.93
CA GLY A 60 -10.64 -5.29 -31.03
C GLY A 60 -11.26 -6.66 -31.19
N ARG A 61 -12.57 -6.75 -30.98
CA ARG A 61 -13.36 -7.96 -31.24
C ARG A 61 -12.84 -9.23 -30.57
N ARG A 62 -12.33 -9.09 -29.35
CA ARG A 62 -11.80 -10.24 -28.61
C ARG A 62 -12.09 -10.14 -27.11
N LEU A 63 -12.17 -11.28 -26.46
CA LEU A 63 -12.24 -11.35 -25.00
C LEU A 63 -11.11 -12.23 -24.48
N TYR A 64 -10.84 -12.14 -23.17
CA TYR A 64 -9.74 -12.87 -22.56
C TYR A 64 -10.26 -13.81 -21.47
N TYR A 65 -10.13 -15.12 -21.73
CA TYR A 65 -10.70 -16.13 -20.86
C TYR A 65 -9.63 -16.93 -20.12
N LYS A 66 -9.65 -16.85 -18.80
CA LYS A 66 -8.73 -17.60 -17.94
C LYS A 66 -9.35 -17.87 -16.57
N LEU A 67 -9.12 -19.08 -16.07
CA LEU A 67 -9.63 -19.53 -14.76
C LEU A 67 -11.13 -19.27 -14.54
N GLY A 68 -11.90 -19.48 -15.61
CA GLY A 68 -13.35 -19.37 -15.56
C GLY A 68 -13.85 -17.94 -15.55
N ARG A 69 -13.02 -17.02 -16.05
CA ARG A 69 -13.35 -15.61 -16.06
C ARG A 69 -13.21 -15.00 -17.45
N LYS A 70 -14.30 -14.41 -17.93
CA LYS A 70 -14.28 -13.63 -19.17
C LYS A 70 -13.92 -12.18 -18.82
N LEU A 71 -12.80 -11.70 -19.35
CA LEU A 71 -12.25 -10.40 -18.95
C LEU A 71 -11.92 -9.51 -20.14
N CYS A 72 -11.92 -8.20 -19.90
CA CYS A 72 -11.43 -7.23 -20.88
C CYS A 72 -9.91 -7.22 -20.86
N ARG A 73 -9.30 -6.57 -21.85
CA ARG A 73 -7.85 -6.54 -21.98
C ARG A 73 -7.14 -6.04 -20.72
N ARG A 74 -7.55 -4.89 -20.21
CA ARG A 74 -6.90 -4.27 -19.06
C ARG A 74 -7.09 -5.03 -17.75
N ASP A 75 -8.28 -5.57 -17.54
CA ASP A 75 -8.55 -6.40 -16.36
C ASP A 75 -7.79 -7.72 -16.39
N TYR A 76 -7.70 -8.32 -17.58
CA TYR A 76 -6.92 -9.54 -17.78
C TYR A 76 -5.45 -9.32 -17.41
N LEU A 77 -4.90 -8.20 -17.89
CA LEU A 77 -3.51 -7.84 -17.61
C LEU A 77 -3.29 -7.42 -16.15
N ARG A 78 -4.33 -6.90 -15.51
CA ARG A 78 -4.29 -6.56 -14.08
C ARG A 78 -4.24 -7.81 -13.21
N LEU A 79 -5.00 -8.83 -13.59
CA LEU A 79 -5.05 -10.09 -12.85
C LEU A 79 -3.86 -11.02 -13.13
N PHE A 80 -3.52 -11.18 -14.41
CA PHE A 80 -2.52 -12.19 -14.80
C PHE A 80 -1.23 -11.60 -15.39
N GLY A 81 -1.36 -10.54 -16.17
CA GLY A 81 -0.22 -9.93 -16.84
C GLY A 81 0.74 -9.22 -15.92
N GLN A 82 2.00 -9.11 -16.35
CA GLN A 82 3.02 -8.36 -15.64
C GLN A 82 2.93 -6.86 -15.97
N ASP A 83 2.10 -6.55 -16.96
CA ASP A 83 2.00 -5.21 -17.53
C ASP A 83 0.87 -4.37 -16.93
N GLY A 84 0.95 -4.13 -15.63
CA GLY A 84 -0.01 -3.28 -14.94
C GLY A 84 0.67 -2.41 -13.91
N LEU A 85 1.81 -1.82 -14.28
CA LEU A 85 2.58 -0.97 -13.36
C LEU A 85 2.15 0.49 -13.41
N CYS A 86 2.20 1.14 -12.26
CA CYS A 86 1.88 2.56 -12.11
C CYS A 86 2.98 3.41 -12.74
N ALA A 87 2.59 4.57 -13.26
CA ALA A 87 3.54 5.48 -13.91
C ALA A 87 4.39 6.28 -12.92
N SER A 88 3.92 6.39 -11.68
CA SER A 88 4.62 7.17 -10.65
C SER A 88 5.58 6.32 -9.82
N CYS A 89 5.03 5.33 -9.11
CA CYS A 89 5.82 4.51 -8.18
C CYS A 89 6.39 3.23 -8.82
N ASP A 90 6.02 2.99 -10.08
CA ASP A 90 6.49 1.84 -10.86
C ASP A 90 6.20 0.49 -10.18
N LYS A 91 4.99 0.37 -9.65
CA LYS A 91 4.57 -0.84 -8.94
C LYS A 91 3.25 -1.37 -9.50
N ARG A 92 3.05 -2.69 -9.40
CA ARG A 92 1.91 -3.38 -9.99
C ARG A 92 0.57 -2.90 -9.43
N ILE A 93 -0.39 -2.68 -10.33
CA ILE A 93 -1.73 -2.27 -9.94
C ILE A 93 -2.55 -3.50 -9.56
N ARG A 94 -3.02 -3.50 -8.32
CA ARG A 94 -3.85 -4.55 -7.76
C ARG A 94 -5.19 -4.64 -8.50
N ALA A 95 -5.74 -5.84 -8.60
CA ALA A 95 -7.08 -6.03 -9.15
C ALA A 95 -8.09 -5.46 -8.16
N TYR A 96 -9.20 -4.94 -8.69
CA TYR A 96 -10.25 -4.29 -7.88
C TYR A 96 -9.80 -2.92 -7.35
N GLU A 97 -8.74 -2.38 -7.95
CA GLU A 97 -8.20 -1.08 -7.53
C GLU A 97 -8.59 0.00 -8.54
N MET A 98 -9.11 1.11 -8.03
CA MET A 98 -9.47 2.25 -8.85
C MET A 98 -8.24 3.10 -9.10
N THR A 99 -8.00 3.43 -10.36
CA THR A 99 -6.81 4.17 -10.76
C THR A 99 -7.18 5.49 -11.43
N MET A 100 -6.19 6.38 -11.56
CA MET A 100 -6.37 7.65 -12.24
C MET A 100 -5.50 7.68 -13.50
N ARG A 101 -6.15 7.85 -14.66
CA ARG A 101 -5.43 7.97 -15.92
C ARG A 101 -5.39 9.41 -16.41
N VAL A 102 -4.20 9.97 -16.48
CA VAL A 102 -3.99 11.27 -17.13
C VAL A 102 -3.29 11.04 -18.47
N LYS A 103 -3.96 11.46 -19.55
CA LYS A 103 -3.56 11.17 -20.93
C LYS A 103 -3.44 9.65 -21.16
N ASP A 104 -2.21 9.15 -21.29
CA ASP A 104 -1.98 7.74 -21.56
C ASP A 104 -1.27 7.02 -20.39
N LYS A 105 -1.03 7.75 -19.32
CA LYS A 105 -0.33 7.19 -18.15
C LYS A 105 -1.31 6.89 -17.02
N VAL A 106 -1.07 5.79 -16.30
CA VAL A 106 -1.95 5.35 -15.21
C VAL A 106 -1.28 5.46 -13.84
N TYR A 107 -2.05 5.89 -12.85
CA TYR A 107 -1.54 6.16 -11.52
C TYR A 107 -2.45 5.62 -10.42
N HIS A 108 -1.85 5.28 -9.28
CA HIS A 108 -2.60 5.12 -8.04
C HIS A 108 -3.11 6.46 -7.65
N LEU A 109 -4.24 6.50 -6.94
CA LEU A 109 -4.83 7.76 -6.50
C LEU A 109 -3.95 8.51 -5.50
N GLU A 110 -3.25 7.78 -4.65
CA GLU A 110 -2.28 8.39 -3.72
C GLU A 110 -1.01 8.83 -4.44
N CYS A 111 -0.78 8.25 -5.62
CA CYS A 111 0.34 8.62 -6.48
C CYS A 111 -0.01 9.80 -7.39
N PHE A 112 -1.31 10.12 -7.45
CA PHE A 112 -1.81 11.22 -8.27
C PHE A 112 -1.56 12.55 -7.58
N LYS A 113 -0.32 13.04 -7.72
CA LYS A 113 0.11 14.28 -7.11
C LYS A 113 1.21 14.95 -7.94
N CYS A 114 1.43 16.24 -7.70
CA CYS A 114 2.42 17.03 -8.41
C CYS A 114 3.84 16.50 -8.19
N ALA A 115 4.62 16.46 -9.26
CA ALA A 115 5.99 15.94 -9.20
C ALA A 115 6.97 16.92 -8.54
N ALA A 116 6.56 18.19 -8.46
CA ALA A 116 7.43 19.24 -7.90
C ALA A 116 7.10 19.56 -6.43
N CYS A 117 5.90 20.08 -6.19
CA CYS A 117 5.52 20.52 -4.84
C CYS A 117 4.86 19.41 -4.03
N GLN A 118 4.56 18.30 -4.68
CA GLN A 118 4.07 17.07 -4.02
C GLN A 118 2.63 17.15 -3.50
N LYS A 119 1.91 18.20 -3.87
CA LYS A 119 0.51 18.38 -3.46
C LYS A 119 -0.42 17.44 -4.21
N HIS A 120 -1.44 16.95 -3.52
CA HIS A 120 -2.49 16.13 -4.13
C HIS A 120 -3.37 16.99 -4.99
N PHE A 121 -3.65 16.53 -6.21
CA PHE A 121 -4.47 17.28 -7.15
C PHE A 121 -5.94 17.29 -6.76
N CYS A 122 -6.56 18.46 -6.90
CA CYS A 122 -7.99 18.62 -6.67
C CYS A 122 -8.75 18.69 -7.99
N VAL A 123 -10.07 18.55 -7.91
CA VAL A 123 -10.93 18.63 -9.08
C VAL A 123 -10.93 20.04 -9.67
N GLY A 124 -10.56 20.13 -10.94
CA GLY A 124 -10.48 21.42 -11.64
C GLY A 124 -9.08 22.00 -11.72
N ASP A 125 -8.10 21.29 -11.15
CA ASP A 125 -6.71 21.73 -11.17
C ASP A 125 -6.12 21.62 -12.57
N ARG A 126 -5.57 22.74 -13.05
CA ARG A 126 -4.83 22.75 -14.30
C ARG A 126 -3.46 22.13 -14.06
N TYR A 127 -2.94 21.43 -15.06
CA TYR A 127 -1.66 20.72 -14.93
C TYR A 127 -0.99 20.52 -16.28
N LEU A 128 0.29 20.12 -16.24
CA LEU A 128 1.02 19.74 -17.43
C LEU A 128 1.69 18.39 -17.20
N LEU A 129 1.65 17.53 -18.23
CA LEU A 129 2.27 16.21 -18.15
C LEU A 129 3.55 16.13 -18.97
N ILE A 130 4.68 16.06 -18.27
CA ILE A 130 5.99 15.85 -18.91
C ILE A 130 6.47 14.44 -18.56
N ASN A 131 6.59 13.60 -19.59
CA ASN A 131 6.86 12.16 -19.44
C ASN A 131 5.78 11.49 -18.59
N SER A 132 6.14 11.12 -17.37
CA SER A 132 5.19 10.55 -16.41
C SER A 132 5.09 11.45 -15.17
N ASP A 133 5.53 12.69 -15.32
CA ASP A 133 5.45 13.68 -14.25
C ASP A 133 4.31 14.65 -14.53
N ILE A 134 3.41 14.76 -13.56
CA ILE A 134 2.34 15.75 -13.62
C ILE A 134 2.78 16.96 -12.81
N VAL A 135 2.69 18.14 -13.42
CA VAL A 135 3.12 19.38 -12.78
C VAL A 135 1.93 20.33 -12.66
N CYS A 136 1.71 20.85 -11.45
CA CYS A 136 0.59 21.76 -11.19
C CYS A 136 0.81 23.13 -11.84
N GLU A 137 -0.29 23.87 -12.03
CA GLU A 137 -0.27 25.16 -12.70
C GLU A 137 0.56 26.21 -11.97
N GLN A 138 0.49 26.21 -10.64
CA GLN A 138 1.22 27.19 -9.83
C GLN A 138 2.73 26.92 -9.77
N ASP A 139 3.16 25.75 -10.24
CA ASP A 139 4.58 25.45 -10.41
C ASP A 139 5.07 25.82 -11.80
N ILE A 140 4.14 25.85 -12.76
CA ILE A 140 4.44 26.30 -14.12
C ILE A 140 4.57 27.83 -14.13
N TYR A 141 3.69 28.49 -13.40
CA TYR A 141 3.68 29.95 -13.29
C TYR A 141 4.93 30.47 -12.55
N GLU A 142 5.34 29.75 -11.50
CA GLU A 142 6.52 30.14 -10.73
C GLU A 142 7.83 29.88 -11.46
N TRP A 143 7.80 28.98 -12.44
CA TRP A 143 8.95 28.77 -13.31
C TRP A 143 9.05 29.88 -14.33
N THR A 144 7.92 30.21 -14.96
CA THR A 144 7.89 31.22 -16.03
C THR A 144 7.97 32.66 -15.53
N LYS A 145 7.82 32.85 -14.22
CA LYS A 145 7.93 34.17 -13.60
C LYS A 145 9.40 34.62 -13.50
N ILE A 146 10.28 33.67 -13.23
CA ILE A 146 11.71 33.94 -13.10
C ILE A 146 12.37 34.07 -14.47
N ASN A 147 11.74 33.49 -15.50
CA ASN A 147 12.32 33.45 -16.85
C ASN A 147 11.68 34.42 -17.84
N GLY A 148 10.40 34.71 -17.66
CA GLY A 148 9.68 35.64 -18.52
C GLY A 148 8.83 34.92 -19.56
N SER B 1 56.35 -49.36 19.25
CA SER B 1 56.47 -49.43 20.73
C SER B 1 55.44 -48.57 21.44
N LEU B 2 55.26 -48.83 22.73
CA LEU B 2 54.37 -48.02 23.58
C LEU B 2 55.22 -47.29 24.61
N ASP B 3 56.05 -46.38 24.11
CA ASP B 3 57.06 -45.68 24.91
C ASP B 3 56.53 -44.32 25.38
N PRO B 4 56.76 -43.98 26.66
CA PRO B 4 56.46 -42.66 27.20
C PRO B 4 57.28 -41.55 26.55
N SER B 5 58.49 -41.87 26.11
CA SER B 5 59.37 -40.88 25.47
C SER B 5 58.86 -40.37 24.12
N GLU B 6 57.90 -41.09 23.53
CA GLU B 6 57.33 -40.72 22.23
C GLU B 6 56.53 -39.42 22.26
N GLU B 7 56.85 -38.53 21.33
CA GLU B 7 56.15 -37.27 21.18
C GLU B 7 55.81 -37.02 19.70
N PRO B 8 54.53 -36.74 19.40
CA PRO B 8 54.14 -36.51 18.02
C PRO B 8 54.76 -35.26 17.40
N VAL B 9 55.15 -35.36 16.14
CA VAL B 9 55.58 -34.19 15.37
C VAL B 9 54.51 -33.97 14.31
N ASP B 10 53.75 -32.88 14.49
CA ASP B 10 52.59 -32.61 13.64
C ASP B 10 52.87 -31.55 12.60
N GLU B 11 52.36 -31.79 11.38
CA GLU B 11 52.45 -30.81 10.30
C GLU B 11 51.33 -29.81 10.41
N VAL B 12 51.68 -28.53 10.30
CA VAL B 12 50.70 -27.45 10.37
C VAL B 12 50.71 -26.67 9.07
N LEU B 13 49.51 -26.40 8.55
CA LEU B 13 49.32 -25.62 7.34
C LEU B 13 48.38 -24.46 7.65
N GLN B 14 48.94 -23.29 7.92
CA GLN B 14 48.16 -22.11 8.30
C GLN B 14 47.78 -21.27 7.09
N ILE B 15 46.77 -20.43 7.27
CA ILE B 15 46.45 -19.39 6.31
C ILE B 15 47.53 -18.31 6.44
N PRO B 16 48.22 -17.99 5.33
CA PRO B 16 49.32 -17.01 5.38
C PRO B 16 48.84 -15.63 5.85
N PRO B 17 49.55 -15.03 6.82
CA PRO B 17 49.18 -13.74 7.42
C PRO B 17 48.99 -12.62 6.38
N SER B 18 49.49 -12.85 5.17
CA SER B 18 49.33 -11.91 4.06
C SER B 18 47.92 -11.96 3.49
N LEU B 19 47.33 -13.15 3.47
CA LEU B 19 45.97 -13.33 2.96
C LEU B 19 44.90 -12.84 3.93
N LEU B 20 45.29 -12.61 5.18
CA LEU B 20 44.34 -12.25 6.23
C LEU B 20 43.91 -10.78 6.19
N THR B 21 43.37 -10.37 5.04
CA THR B 21 42.78 -9.05 4.89
C THR B 21 41.27 -9.21 4.77
N CYS B 22 40.54 -8.40 5.53
CA CYS B 22 39.09 -8.48 5.60
C CYS B 22 38.43 -7.98 4.32
N GLY B 23 37.43 -8.71 3.85
CA GLY B 23 36.70 -8.34 2.65
C GLY B 23 35.72 -7.19 2.91
N GLY B 24 35.47 -6.92 4.19
CA GLY B 24 34.53 -5.88 4.59
C GLY B 24 35.16 -4.52 4.81
N CYS B 25 36.35 -4.50 5.43
CA CYS B 25 37.03 -3.24 5.75
C CYS B 25 38.42 -3.11 5.11
N GLN B 26 38.89 -4.19 4.49
CA GLN B 26 40.18 -4.24 3.77
C GLN B 26 41.41 -4.09 4.66
N GLN B 27 41.23 -4.31 5.96
CA GLN B 27 42.33 -4.25 6.92
C GLN B 27 42.68 -5.65 7.43
N ASN B 28 43.81 -5.77 8.11
CA ASN B 28 44.31 -7.04 8.62
C ASN B 28 43.41 -7.68 9.68
N ILE B 29 43.36 -9.02 9.67
CA ILE B 29 42.64 -9.79 10.70
C ILE B 29 43.65 -10.44 11.65
N GLY B 30 43.82 -9.81 12.82
CA GLY B 30 44.69 -10.36 13.86
C GLY B 30 43.91 -11.10 14.93
N ASP B 31 42.61 -11.26 14.71
CA ASP B 31 41.72 -11.94 15.65
C ASP B 31 41.83 -13.45 15.49
N ARG B 32 41.62 -14.17 16.58
CA ARG B 32 41.61 -15.64 16.55
C ARG B 32 40.35 -16.14 15.84
N TYR B 33 39.20 -15.59 16.22
CA TYR B 33 37.93 -15.94 15.62
C TYR B 33 37.58 -14.99 14.49
N PHE B 34 37.29 -15.56 13.31
CA PHE B 34 36.81 -14.78 12.16
C PHE B 34 36.05 -15.67 11.16
N LEU B 35 35.47 -15.04 10.13
CA LEU B 35 34.55 -15.74 9.23
C LEU B 35 35.14 -15.97 7.83
N LYS B 36 34.65 -17.01 7.15
CA LYS B 36 35.00 -17.30 5.76
C LYS B 36 33.75 -17.37 4.89
N ALA B 37 33.67 -16.46 3.91
CA ALA B 37 32.50 -16.39 3.03
C ALA B 37 32.86 -15.83 1.65
N ILE B 38 32.13 -16.26 0.64
CA ILE B 38 32.31 -15.87 -0.77
C ILE B 38 33.77 -15.63 -1.19
N ASP B 39 34.60 -16.65 -0.96
CA ASP B 39 36.03 -16.64 -1.28
C ASP B 39 36.83 -15.51 -0.58
N GLN B 40 36.36 -15.12 0.59
CA GLN B 40 36.99 -14.04 1.37
C GLN B 40 36.98 -14.32 2.88
N TYR B 41 37.86 -13.62 3.60
CA TYR B 41 37.86 -13.65 5.07
C TYR B 41 37.31 -12.34 5.61
N TRP B 42 36.63 -12.43 6.75
CA TRP B 42 35.91 -11.30 7.33
C TRP B 42 36.06 -11.24 8.82
N HIS B 43 36.11 -10.03 9.38
CA HIS B 43 35.89 -9.82 10.80
C HIS B 43 34.46 -10.18 11.10
N GLU B 44 34.21 -10.74 12.27
CA GLU B 44 32.84 -11.15 12.64
C GLU B 44 31.82 -10.00 12.56
N ASP B 45 32.29 -8.78 12.75
CA ASP B 45 31.44 -7.59 12.67
C ASP B 45 31.58 -6.84 11.34
N CYS B 46 32.17 -7.51 10.35
CA CYS B 46 32.37 -6.90 9.03
C CYS B 46 31.53 -7.53 7.92
N LEU B 47 30.89 -8.66 8.23
CA LEU B 47 30.03 -9.35 7.28
C LEU B 47 28.56 -9.03 7.56
N SER B 48 28.00 -8.13 6.75
CA SER B 48 26.65 -7.59 6.98
C SER B 48 25.70 -7.84 5.81
N CYS B 49 24.42 -7.96 6.13
CA CYS B 49 23.37 -7.98 5.11
C CYS B 49 23.30 -6.60 4.45
N ASP B 50 23.29 -6.59 3.11
CA ASP B 50 23.30 -5.35 2.35
C ASP B 50 22.07 -4.48 2.57
N LEU B 51 20.98 -5.12 3.00
CA LEU B 51 19.74 -4.40 3.31
C LEU B 51 19.72 -3.94 4.77
N CYS B 52 19.63 -4.90 5.69
CA CYS B 52 19.39 -4.56 7.09
C CYS B 52 20.67 -4.37 7.93
N GLY B 53 21.80 -4.87 7.45
CA GLY B 53 23.09 -4.69 8.12
C GLY B 53 23.33 -5.63 9.28
N CYS B 54 22.57 -6.73 9.31
CA CYS B 54 22.74 -7.76 10.34
C CYS B 54 23.89 -8.69 10.01
N ARG B 55 24.50 -9.27 11.04
CA ARG B 55 25.57 -10.25 10.87
C ARG B 55 25.03 -11.49 10.16
N LEU B 56 25.68 -11.84 9.05
CA LEU B 56 25.23 -12.95 8.21
C LEU B 56 25.71 -14.30 8.72
N GLY B 57 24.86 -15.31 8.58
CA GLY B 57 25.19 -16.68 8.94
C GLY B 57 25.36 -16.93 10.43
N GLU B 58 24.89 -16.00 11.24
CA GLU B 58 24.94 -16.12 12.70
C GLU B 58 24.19 -17.37 13.18
N VAL B 59 23.03 -17.61 12.58
CA VAL B 59 22.27 -18.84 12.76
C VAL B 59 22.15 -19.48 11.37
N GLY B 60 22.33 -20.80 11.30
CA GLY B 60 22.18 -21.52 10.04
C GLY B 60 23.45 -21.58 9.21
N ARG B 61 24.40 -20.71 9.51
CA ARG B 61 25.72 -20.66 8.87
C ARG B 61 25.68 -20.53 7.35
N ARG B 62 24.76 -19.70 6.86
CA ARG B 62 24.60 -19.46 5.43
C ARG B 62 24.21 -18.01 5.13
N LEU B 63 24.69 -17.52 3.99
CA LEU B 63 24.22 -16.25 3.44
C LEU B 63 23.59 -16.48 2.07
N TYR B 64 22.85 -15.48 1.59
CA TYR B 64 22.17 -15.57 0.30
C TYR B 64 22.68 -14.50 -0.65
N TYR B 65 23.26 -14.96 -1.76
CA TYR B 65 23.93 -14.07 -2.71
C TYR B 65 23.29 -14.13 -4.09
N LYS B 66 22.60 -13.05 -4.45
CA LYS B 66 21.98 -12.93 -5.77
C LYS B 66 21.97 -11.46 -6.22
N LEU B 67 22.23 -11.26 -7.51
CA LEU B 67 22.32 -9.93 -8.14
C LEU B 67 23.27 -8.98 -7.41
N GLY B 68 24.42 -9.50 -7.00
CA GLY B 68 25.50 -8.72 -6.39
C GLY B 68 25.21 -8.28 -4.98
N ARG B 69 24.30 -8.99 -4.32
CA ARG B 69 23.81 -8.60 -3.01
C ARG B 69 23.88 -9.76 -2.02
N LYS B 70 24.59 -9.54 -0.91
CA LYS B 70 24.66 -10.49 0.19
C LYS B 70 23.56 -10.20 1.20
N LEU B 71 22.70 -11.18 1.45
CA LEU B 71 21.49 -10.97 2.24
C LEU B 71 21.23 -12.08 3.26
N CYS B 72 20.47 -11.73 4.30
CA CYS B 72 19.94 -12.71 5.26
C CYS B 72 18.74 -13.41 4.63
N ARG B 73 18.24 -14.46 5.30
CA ARG B 73 17.15 -15.27 4.75
C ARG B 73 15.91 -14.44 4.41
N ARG B 74 15.44 -13.66 5.37
CA ARG B 74 14.19 -12.91 5.23
C ARG B 74 14.25 -11.81 4.17
N ASP B 75 15.38 -11.11 4.09
CA ASP B 75 15.58 -10.07 3.09
C ASP B 75 15.67 -10.66 1.68
N TYR B 76 16.34 -11.80 1.55
CA TYR B 76 16.42 -12.53 0.30
C TYR B 76 15.03 -12.92 -0.17
N LEU B 77 14.22 -13.43 0.76
CA LEU B 77 12.84 -13.84 0.45
C LEU B 77 11.92 -12.63 0.22
N ARG B 78 12.28 -11.48 0.78
CA ARG B 78 11.52 -10.25 0.56
C ARG B 78 11.72 -9.69 -0.85
N LEU B 79 12.97 -9.75 -1.34
CA LEU B 79 13.28 -9.28 -2.70
C LEU B 79 12.87 -10.26 -3.79
N PHE B 80 13.17 -11.54 -3.60
CA PHE B 80 13.02 -12.54 -4.66
C PHE B 80 11.92 -13.56 -4.38
N GLY B 81 11.86 -14.04 -3.14
CA GLY B 81 10.93 -15.10 -2.76
C GLY B 81 9.46 -14.72 -2.87
N GLN B 82 8.64 -15.70 -3.23
CA GLN B 82 7.18 -15.53 -3.30
C GLN B 82 6.55 -15.63 -1.91
N ASP B 83 7.39 -15.85 -0.91
CA ASP B 83 6.94 -16.16 0.44
C ASP B 83 7.18 -15.02 1.46
N GLY B 84 6.76 -13.81 1.10
CA GLY B 84 6.84 -12.69 2.01
C GLY B 84 5.48 -12.07 2.26
N LEU B 85 4.47 -12.91 2.47
CA LEU B 85 3.08 -12.44 2.61
C LEU B 85 2.69 -12.07 4.04
N CYS B 86 1.88 -11.02 4.15
CA CYS B 86 1.35 -10.55 5.44
C CYS B 86 0.29 -11.50 5.97
N ALA B 87 0.16 -11.57 7.28
CA ALA B 87 -0.79 -12.47 7.93
C ALA B 87 -2.22 -11.93 7.93
N SER B 88 -2.37 -10.61 7.78
CA SER B 88 -3.70 -9.98 7.85
C SER B 88 -4.35 -9.78 6.47
N CYS B 89 -3.73 -8.93 5.64
CA CYS B 89 -4.28 -8.58 4.33
C CYS B 89 -3.96 -9.62 3.26
N ASP B 90 -3.05 -10.54 3.60
CA ASP B 90 -2.60 -11.61 2.70
C ASP B 90 -1.95 -11.07 1.42
N LYS B 91 -1.05 -10.11 1.59
CA LYS B 91 -0.31 -9.51 0.47
C LYS B 91 1.20 -9.53 0.73
N ARG B 92 1.97 -9.55 -0.34
CA ARG B 92 3.43 -9.62 -0.29
C ARG B 92 4.04 -8.38 0.39
N ILE B 93 5.05 -8.62 1.24
CA ILE B 93 5.76 -7.55 1.93
C ILE B 93 6.90 -7.04 1.06
N ARG B 94 6.80 -5.75 0.69
CA ARG B 94 7.83 -5.07 -0.08
C ARG B 94 9.13 -4.97 0.74
N ALA B 95 10.27 -4.99 0.04
CA ALA B 95 11.57 -4.77 0.66
C ALA B 95 11.69 -3.29 1.06
N TYR B 96 12.50 -3.03 2.08
CA TYR B 96 12.65 -1.68 2.67
C TYR B 96 11.39 -1.21 3.41
N GLU B 97 10.52 -2.16 3.74
CA GLU B 97 9.30 -1.88 4.49
C GLU B 97 9.41 -2.44 5.91
N MET B 98 9.10 -1.59 6.89
CA MET B 98 9.13 -1.99 8.30
C MET B 98 7.83 -2.70 8.66
N THR B 99 7.97 -3.87 9.29
CA THR B 99 6.83 -4.72 9.60
C THR B 99 6.66 -4.94 11.11
N MET B 100 5.47 -5.40 11.51
CA MET B 100 5.18 -5.72 12.90
C MET B 100 5.02 -7.23 13.08
N ARG B 101 5.84 -7.79 13.96
CA ARG B 101 5.81 -9.23 14.21
C ARG B 101 5.30 -9.55 15.61
N VAL B 102 4.04 -9.98 15.67
CA VAL B 102 3.48 -10.54 16.90
C VAL B 102 3.52 -12.06 16.81
N LYS B 103 4.35 -12.66 17.67
CA LYS B 103 4.65 -14.10 17.67
C LYS B 103 5.32 -14.55 16.37
N ASP B 104 4.70 -15.50 15.67
CA ASP B 104 5.27 -16.06 14.44
C ASP B 104 4.60 -15.52 13.18
N LYS B 105 3.72 -14.53 13.34
CA LYS B 105 3.00 -13.94 12.23
C LYS B 105 3.46 -12.51 11.95
N VAL B 106 3.67 -12.20 10.67
CA VAL B 106 4.14 -10.88 10.24
C VAL B 106 3.01 -10.02 9.68
N TYR B 107 3.05 -8.72 10.00
CA TYR B 107 1.99 -7.79 9.63
C TYR B 107 2.53 -6.47 9.08
N HIS B 108 1.79 -5.87 8.14
CA HIS B 108 2.03 -4.48 7.77
C HIS B 108 1.64 -3.62 8.95
N LEU B 109 2.30 -2.48 9.09
CA LEU B 109 1.99 -1.56 10.19
C LEU B 109 0.56 -1.00 10.13
N GLU B 110 0.06 -0.82 8.92
CA GLU B 110 -1.33 -0.42 8.70
C GLU B 110 -2.31 -1.58 8.94
N CYS B 111 -1.80 -2.80 8.82
CA CYS B 111 -2.60 -4.02 9.07
C CYS B 111 -2.63 -4.41 10.53
N PHE B 112 -1.75 -3.81 11.33
CA PHE B 112 -1.66 -4.12 12.77
C PHE B 112 -2.84 -3.50 13.53
N LYS B 113 -3.99 -4.16 13.44
CA LYS B 113 -5.24 -3.71 14.06
C LYS B 113 -6.07 -4.89 14.55
N CYS B 114 -7.00 -4.62 15.46
CA CYS B 114 -7.87 -5.66 16.01
C CYS B 114 -8.77 -6.26 14.95
N ALA B 115 -8.96 -7.58 15.01
CA ALA B 115 -9.81 -8.31 14.08
C ALA B 115 -11.30 -8.07 14.35
N ALA B 116 -11.61 -7.61 15.55
CA ALA B 116 -13.01 -7.39 15.97
C ALA B 116 -13.43 -5.93 15.86
N CYS B 117 -12.83 -5.06 16.67
CA CYS B 117 -13.23 -3.64 16.72
C CYS B 117 -12.48 -2.76 15.70
N GLN B 118 -11.55 -3.36 14.96
CA GLN B 118 -10.78 -2.71 13.89
C GLN B 118 -9.86 -1.56 14.33
N LYS B 119 -9.70 -1.42 15.65
CA LYS B 119 -8.86 -0.36 16.22
C LYS B 119 -7.37 -0.69 16.07
N HIS B 120 -6.57 0.33 15.76
CA HIS B 120 -5.11 0.20 15.72
C HIS B 120 -4.56 0.15 17.11
N PHE B 121 -3.61 -0.76 17.33
CA PHE B 121 -3.04 -0.98 18.65
C PHE B 121 -2.07 0.13 19.08
N CYS B 122 -2.11 0.46 20.37
CA CYS B 122 -1.18 1.41 20.96
C CYS B 122 -0.13 0.66 21.77
N VAL B 123 0.95 1.34 22.13
CA VAL B 123 2.04 0.73 22.92
C VAL B 123 1.55 0.42 24.33
N GLY B 124 1.67 -0.84 24.73
CA GLY B 124 1.24 -1.29 26.06
C GLY B 124 -0.09 -2.03 26.08
N ASP B 125 -0.75 -2.07 24.93
CA ASP B 125 -2.04 -2.76 24.80
C ASP B 125 -1.89 -4.27 24.88
N ARG B 126 -2.66 -4.88 25.79
CA ARG B 126 -2.67 -6.34 25.94
C ARG B 126 -3.51 -6.97 24.82
N TYR B 127 -3.15 -8.18 24.42
CA TYR B 127 -3.78 -8.83 23.27
C TYR B 127 -3.76 -10.36 23.36
N LEU B 128 -4.52 -11.00 22.46
CA LEU B 128 -4.47 -12.44 22.29
C LEU B 128 -4.49 -12.80 20.81
N LEU B 129 -3.58 -13.68 20.41
CA LEU B 129 -3.47 -14.10 19.02
C LEU B 129 -4.07 -15.49 18.79
N ILE B 130 -5.18 -15.51 18.06
CA ILE B 130 -5.80 -16.76 17.63
C ILE B 130 -5.61 -16.88 16.11
N ASN B 131 -4.91 -17.93 15.69
CA ASN B 131 -4.52 -18.14 14.30
C ASN B 131 -3.71 -16.97 13.73
N SER B 132 -4.36 -16.14 12.91
CA SER B 132 -3.73 -14.94 12.36
C SER B 132 -4.48 -13.69 12.79
N ASP B 133 -5.39 -13.86 13.76
CA ASP B 133 -6.22 -12.77 14.25
C ASP B 133 -5.75 -12.26 15.62
N ILE B 134 -5.42 -10.98 15.66
CA ILE B 134 -4.99 -10.32 16.89
C ILE B 134 -6.18 -9.62 17.56
N VAL B 135 -6.48 -10.00 18.80
CA VAL B 135 -7.65 -9.50 19.52
C VAL B 135 -7.23 -8.72 20.76
N CYS B 136 -7.71 -7.48 20.87
CA CYS B 136 -7.39 -6.59 22.00
C CYS B 136 -8.03 -7.06 23.31
N GLU B 137 -7.46 -6.62 24.42
CA GLU B 137 -7.89 -7.02 25.77
C GLU B 137 -9.35 -6.67 26.07
N GLN B 138 -9.79 -5.50 25.59
CA GLN B 138 -11.14 -5.01 25.86
C GLN B 138 -12.25 -5.75 25.08
N ASP B 139 -11.84 -6.49 24.04
CA ASP B 139 -12.78 -7.36 23.31
C ASP B 139 -12.89 -8.75 23.95
N ILE B 140 -11.83 -9.15 24.66
CA ILE B 140 -11.83 -10.41 25.42
C ILE B 140 -12.70 -10.24 26.67
N TYR B 141 -12.59 -9.06 27.31
CA TYR B 141 -13.37 -8.74 28.50
C TYR B 141 -14.87 -8.67 28.22
N GLU B 142 -15.22 -8.14 27.05
CA GLU B 142 -16.63 -8.01 26.63
C GLU B 142 -17.26 -9.35 26.28
N TRP B 143 -16.43 -10.32 25.88
CA TRP B 143 -16.90 -11.66 25.58
C TRP B 143 -17.14 -12.44 26.85
N THR B 144 -16.20 -12.37 27.78
CA THR B 144 -16.26 -13.12 29.04
C THR B 144 -17.26 -12.55 30.06
N LYS B 145 -17.78 -11.35 29.76
CA LYS B 145 -18.75 -10.68 30.62
C LYS B 145 -20.16 -11.27 30.43
N ILE B 146 -20.50 -11.55 29.17
CA ILE B 146 -21.81 -12.11 28.81
C ILE B 146 -21.86 -13.61 29.12
N ASN B 147 -20.69 -14.24 29.14
CA ASN B 147 -20.59 -15.70 29.27
C ASN B 147 -20.15 -16.20 30.66
N GLY B 148 -19.32 -15.41 31.33
CA GLY B 148 -18.83 -15.76 32.67
C GLY B 148 -17.32 -15.95 32.70
N SER C 3 -21.88 20.76 -32.96
CA SER C 3 -22.45 19.38 -32.96
C SER C 3 -22.16 18.60 -31.68
N MET C 4 -21.21 19.12 -30.88
CA MET C 4 -20.83 18.49 -29.62
C MET C 4 -21.56 19.08 -28.42
N ALA C 5 -22.30 18.23 -27.71
CA ALA C 5 -23.01 18.63 -26.51
C ALA C 5 -22.07 18.69 -25.31
N GLU C 6 -22.25 19.70 -24.46
CA GLU C 6 -21.41 19.89 -23.27
C GLU C 6 -21.83 18.94 -22.15
N VAL C 7 -20.84 18.25 -21.58
CA VAL C 7 -21.06 17.31 -20.47
C VAL C 7 -21.42 18.07 -19.18
N GLN C 8 -22.47 17.61 -18.51
CA GLN C 8 -22.92 18.21 -17.27
C GLN C 8 -23.22 17.15 -16.21
N LEU C 9 -22.62 17.33 -15.03
CA LEU C 9 -22.88 16.47 -13.88
C LEU C 9 -23.19 17.35 -12.67
N LEU C 10 -24.44 17.26 -12.20
CA LEU C 10 -24.90 18.12 -11.11
C LEU C 10 -25.21 17.29 -9.86
N GLU C 11 -24.31 17.36 -8.89
CA GLU C 11 -24.48 16.65 -7.61
C GLU C 11 -25.45 17.38 -6.67
N SER C 12 -26.36 16.61 -6.08
CA SER C 12 -27.35 17.14 -5.14
C SER C 12 -27.31 16.35 -3.84
N GLY C 13 -28.03 16.84 -2.84
CA GLY C 13 -28.06 16.21 -1.52
C GLY C 13 -26.87 16.70 -0.72
N GLY C 14 -26.61 16.05 0.41
CA GLY C 14 -25.51 16.44 1.27
C GLY C 14 -25.85 17.62 2.17
N GLY C 15 -24.97 17.89 3.12
CA GLY C 15 -25.21 18.93 4.11
C GLY C 15 -24.58 18.55 5.44
N LEU C 16 -25.17 19.03 6.52
CA LEU C 16 -24.62 18.83 7.86
C LEU C 16 -25.51 17.92 8.69
N VAL C 17 -24.90 16.91 9.30
CA VAL C 17 -25.61 15.94 10.12
C VAL C 17 -24.69 15.40 11.22
N GLN C 18 -25.29 14.80 12.25
CA GLN C 18 -24.56 14.20 13.36
C GLN C 18 -24.07 12.77 13.05
N PRO C 19 -23.04 12.29 13.77
CA PRO C 19 -22.60 10.90 13.64
C PRO C 19 -23.76 9.93 13.82
N GLY C 20 -23.83 8.93 12.95
CA GLY C 20 -24.95 7.98 12.94
C GLY C 20 -26.08 8.43 12.05
N GLY C 21 -25.93 9.63 11.47
CA GLY C 21 -26.95 10.20 10.58
C GLY C 21 -26.95 9.60 9.19
N SER C 22 -27.86 10.09 8.35
CA SER C 22 -28.07 9.52 7.02
C SER C 22 -28.36 10.58 5.96
N LEU C 23 -27.74 10.41 4.78
CA LEU C 23 -27.93 11.32 3.65
C LEU C 23 -28.14 10.56 2.34
N ARG C 24 -28.86 11.17 1.41
CA ARG C 24 -29.08 10.61 0.09
C ARG C 24 -28.57 11.56 -0.99
N LEU C 25 -27.51 11.14 -1.67
CA LEU C 25 -26.89 11.92 -2.74
C LEU C 25 -27.43 11.55 -4.11
N SER C 26 -27.59 12.56 -4.96
CA SER C 26 -28.03 12.35 -6.34
C SER C 26 -27.15 13.12 -7.32
N CYS C 27 -27.03 12.59 -8.54
CA CYS C 27 -26.38 13.33 -9.61
C CYS C 27 -27.14 13.22 -10.92
N ALA C 28 -27.57 14.37 -11.44
CA ALA C 28 -28.23 14.42 -12.75
C ALA C 28 -27.17 14.58 -13.83
N ALA C 29 -27.27 13.74 -14.87
CA ALA C 29 -26.28 13.74 -15.94
C ALA C 29 -26.88 14.10 -17.30
N SER C 30 -26.06 14.75 -18.13
CA SER C 30 -26.41 15.08 -19.51
C SER C 30 -25.15 15.41 -20.30
N GLY C 31 -25.22 15.23 -21.62
CA GLY C 31 -24.09 15.56 -22.50
C GLY C 31 -23.21 14.39 -22.90
N PHE C 32 -23.61 13.18 -22.49
CA PHE C 32 -22.95 11.94 -22.88
C PHE C 32 -23.91 10.76 -22.68
N SER C 33 -23.63 9.62 -23.31
CA SER C 33 -24.46 8.44 -23.12
C SER C 33 -24.22 7.82 -21.75
N PHE C 34 -25.00 8.29 -20.78
CA PHE C 34 -24.94 7.85 -19.39
C PHE C 34 -25.21 6.35 -19.26
N SER C 35 -26.07 5.83 -20.12
CA SER C 35 -26.47 4.42 -20.11
C SER C 35 -25.33 3.47 -20.51
N HIS C 36 -24.29 4.02 -21.12
CA HIS C 36 -23.13 3.23 -21.55
C HIS C 36 -21.88 3.58 -20.80
N SER C 37 -22.04 4.25 -19.66
CA SER C 37 -20.90 4.75 -18.89
C SER C 37 -20.87 4.21 -17.47
N PRO C 38 -19.73 3.64 -17.04
CA PRO C 38 -19.55 3.31 -15.63
C PRO C 38 -19.46 4.60 -14.80
N MET C 39 -20.12 4.61 -13.65
CA MET C 39 -20.17 5.80 -12.81
C MET C 39 -19.53 5.59 -11.45
N ASN C 40 -19.13 6.69 -10.82
CA ASN C 40 -18.39 6.67 -9.56
C ASN C 40 -18.78 7.79 -8.60
N TRP C 41 -18.55 7.53 -7.32
CA TRP C 41 -18.54 8.58 -6.31
C TRP C 41 -17.15 8.66 -5.76
N VAL C 42 -16.59 9.87 -5.76
CA VAL C 42 -15.24 10.12 -5.26
C VAL C 42 -15.28 11.34 -4.34
N ARG C 43 -14.69 11.20 -3.16
CA ARG C 43 -14.66 12.28 -2.17
C ARG C 43 -13.27 12.87 -1.96
N GLN C 44 -13.22 14.04 -1.33
CA GLN C 44 -11.96 14.73 -1.02
C GLN C 44 -12.09 15.74 0.11
N ALA C 45 -11.18 15.64 1.07
CA ALA C 45 -10.98 16.65 2.11
C ALA C 45 -9.76 17.48 1.74
N PRO C 46 -9.65 18.73 2.26
CA PRO C 46 -8.45 19.52 1.95
C PRO C 46 -7.20 18.90 2.56
N GLY C 47 -6.06 19.09 1.92
CA GLY C 47 -4.81 18.45 2.33
C GLY C 47 -4.72 17.03 1.80
N LYS C 48 -5.74 16.23 2.09
CA LYS C 48 -5.82 14.84 1.65
C LYS C 48 -6.11 14.74 0.15
N GLY C 49 -5.69 13.62 -0.45
CA GLY C 49 -5.93 13.37 -1.88
C GLY C 49 -7.34 12.91 -2.17
N LEU C 50 -7.60 12.62 -3.44
CA LEU C 50 -8.90 12.10 -3.86
C LEU C 50 -9.05 10.65 -3.41
N GLU C 51 -10.22 10.35 -2.83
CA GLU C 51 -10.52 9.00 -2.38
C GLU C 51 -11.80 8.48 -3.02
N TRP C 52 -11.64 7.44 -3.84
CA TRP C 52 -12.75 6.76 -4.49
C TRP C 52 -13.62 6.05 -3.48
N VAL C 53 -14.93 6.15 -3.67
CA VAL C 53 -15.90 5.62 -2.71
C VAL C 53 -16.63 4.40 -3.26
N SER C 54 -17.20 4.54 -4.45
CA SER C 54 -18.01 3.48 -5.04
C SER C 54 -18.05 3.51 -6.58
N TYR C 55 -18.23 2.33 -7.17
CA TYR C 55 -18.25 2.15 -8.61
C TYR C 55 -19.49 1.35 -9.01
N ILE C 56 -20.01 1.64 -10.20
CA ILE C 56 -21.16 0.91 -10.76
C ILE C 56 -21.09 0.85 -12.29
N SER C 57 -21.14 -0.36 -12.83
CA SER C 57 -21.12 -0.58 -14.28
C SER C 57 -22.39 -0.06 -14.95
N TYR C 58 -22.35 0.09 -16.27
CA TYR C 58 -23.43 0.70 -17.04
C TYR C 58 -24.81 0.04 -16.82
N ASN C 59 -24.81 -1.28 -16.67
CA ASN C 59 -26.03 -2.05 -16.46
C ASN C 59 -26.22 -2.50 -15.01
N SER C 60 -25.38 -1.96 -14.12
CA SER C 60 -25.40 -2.27 -12.68
C SER C 60 -24.97 -3.70 -12.34
N SER C 61 -24.39 -4.40 -13.31
CA SER C 61 -23.96 -5.79 -13.10
C SER C 61 -22.72 -5.89 -12.20
N SER C 62 -21.88 -4.87 -12.26
CA SER C 62 -20.68 -4.78 -11.42
C SER C 62 -20.75 -3.58 -10.48
N ILE C 63 -20.47 -3.82 -9.21
CA ILE C 63 -20.59 -2.80 -8.15
C ILE C 63 -19.47 -3.01 -7.12
N TYR C 64 -18.76 -1.94 -6.79
CA TYR C 64 -17.70 -2.01 -5.80
C TYR C 64 -17.72 -0.84 -4.84
N TYR C 65 -17.18 -1.06 -3.64
CA TYR C 65 -17.09 -0.02 -2.62
C TYR C 65 -15.68 0.04 -2.03
N ALA C 66 -15.32 1.20 -1.51
CA ALA C 66 -14.11 1.33 -0.70
C ALA C 66 -14.35 0.59 0.61
N ASP C 67 -13.30 0.00 1.18
CA ASP C 67 -13.44 -0.72 2.45
C ASP C 67 -14.06 0.13 3.54
N SER C 68 -13.65 1.40 3.60
CA SER C 68 -14.13 2.34 4.62
C SER C 68 -15.64 2.58 4.57
N VAL C 69 -16.26 2.31 3.43
CA VAL C 69 -17.70 2.57 3.25
C VAL C 69 -18.57 1.30 3.18
N LYS C 70 -17.94 0.13 3.06
CA LYS C 70 -18.67 -1.13 2.95
C LYS C 70 -19.64 -1.36 4.12
N GLY C 71 -20.89 -1.66 3.77
CA GLY C 71 -21.93 -1.92 4.76
C GLY C 71 -22.65 -0.67 5.23
N ARG C 72 -22.17 0.50 4.81
CA ARG C 72 -22.75 1.78 5.22
C ARG C 72 -23.33 2.56 4.05
N PHE C 73 -22.67 2.47 2.89
CA PHE C 73 -23.05 3.24 1.70
C PHE C 73 -23.59 2.33 0.61
N THR C 74 -24.56 2.81 -0.16
CA THR C 74 -25.13 2.04 -1.25
C THR C 74 -25.29 2.85 -2.53
N ILE C 75 -24.59 2.41 -3.58
CA ILE C 75 -24.64 3.02 -4.90
C ILE C 75 -25.75 2.41 -5.74
N SER C 76 -26.36 3.24 -6.60
CA SER C 76 -27.36 2.79 -7.56
C SER C 76 -27.54 3.82 -8.67
N ARG C 77 -28.26 3.44 -9.72
CA ARG C 77 -28.47 4.31 -10.87
C ARG C 77 -29.83 4.12 -11.51
N ASP C 78 -30.27 5.12 -12.27
CA ASP C 78 -31.49 5.03 -13.07
C ASP C 78 -31.21 5.63 -14.45
N ASN C 79 -31.02 4.74 -15.42
CA ASN C 79 -30.61 5.14 -16.78
C ASN C 79 -31.69 5.89 -17.58
N SER C 80 -32.96 5.60 -17.28
CA SER C 80 -34.06 6.29 -17.96
C SER C 80 -34.18 7.74 -17.51
N LYS C 81 -33.64 8.02 -16.31
CA LYS C 81 -33.67 9.36 -15.73
C LYS C 81 -32.28 9.99 -15.72
N ASN C 82 -31.29 9.23 -16.21
CA ASN C 82 -29.88 9.67 -16.23
C ASN C 82 -29.34 10.13 -14.88
N THR C 83 -29.70 9.41 -13.82
CA THR C 83 -29.35 9.81 -12.46
C THR C 83 -28.54 8.74 -11.72
N LEU C 84 -27.53 9.20 -10.98
CA LEU C 84 -26.76 8.34 -10.10
C LEU C 84 -27.13 8.65 -8.66
N TYR C 85 -27.20 7.61 -7.82
CA TYR C 85 -27.55 7.78 -6.41
C TYR C 85 -26.48 7.22 -5.49
N LEU C 86 -26.39 7.78 -4.29
CA LEU C 86 -25.60 7.22 -3.21
C LEU C 86 -26.36 7.37 -1.89
N GLN C 87 -26.71 6.24 -1.29
CA GLN C 87 -27.34 6.22 0.02
C GLN C 87 -26.25 6.11 1.08
N MET C 88 -26.16 7.13 1.93
CA MET C 88 -25.13 7.19 2.97
C MET C 88 -25.73 6.99 4.35
N ASN C 89 -25.47 5.83 4.94
CA ASN C 89 -25.97 5.51 6.28
C ASN C 89 -24.86 5.40 7.30
N SER C 90 -25.24 5.42 8.58
CA SER C 90 -24.30 5.25 9.70
C SER C 90 -23.06 6.14 9.54
N LEU C 91 -23.30 7.41 9.22
CA LEU C 91 -22.24 8.37 8.90
C LEU C 91 -21.35 8.68 10.11
N ARG C 92 -20.05 8.80 9.84
CA ARG C 92 -19.08 9.17 10.87
C ARG C 92 -18.17 10.31 10.42
N ALA C 93 -17.47 10.92 11.38
CA ALA C 93 -16.66 12.13 11.15
C ALA C 93 -15.66 12.03 10.00
N GLU C 94 -15.16 10.81 9.75
CA GLU C 94 -14.19 10.56 8.68
C GLU C 94 -14.79 10.71 7.29
N ASP C 95 -16.12 10.65 7.19
CA ASP C 95 -16.81 10.75 5.90
C ASP C 95 -16.98 12.19 5.43
N THR C 96 -16.53 13.15 6.25
CA THR C 96 -16.61 14.57 5.91
C THR C 96 -15.69 14.90 4.73
N ALA C 97 -16.30 15.35 3.63
CA ALA C 97 -15.60 15.66 2.39
C ALA C 97 -16.55 16.26 1.35
N VAL C 98 -15.98 16.75 0.25
CA VAL C 98 -16.76 17.10 -0.92
C VAL C 98 -16.93 15.82 -1.76
N TYR C 99 -18.17 15.50 -2.08
CA TYR C 99 -18.47 14.28 -2.84
C TYR C 99 -18.76 14.60 -4.30
N TYR C 100 -17.89 14.09 -5.18
CA TYR C 100 -18.01 14.29 -6.61
C TYR C 100 -18.54 13.04 -7.29
N CYS C 101 -19.38 13.25 -8.30
CA CYS C 101 -19.75 12.19 -9.21
C CYS C 101 -18.73 12.17 -10.34
N ALA C 102 -18.04 11.05 -10.49
CA ALA C 102 -17.00 10.92 -11.51
C ALA C 102 -17.35 9.87 -12.55
N ARG C 103 -17.31 10.29 -13.82
CA ARG C 103 -17.52 9.40 -14.94
C ARG C 103 -16.26 8.56 -15.13
N GLY C 104 -16.45 7.25 -15.24
CA GLY C 104 -15.33 6.34 -15.42
C GLY C 104 -15.05 6.05 -16.89
N LEU C 105 -13.82 5.62 -17.16
CA LEU C 105 -13.45 5.13 -18.48
C LEU C 105 -14.11 3.77 -18.71
N THR C 106 -14.49 3.50 -19.95
CA THR C 106 -15.35 2.35 -20.25
C THR C 106 -14.74 1.00 -19.89
N GLU C 107 -13.41 0.92 -19.88
CA GLU C 107 -12.73 -0.34 -19.65
C GLU C 107 -11.93 -0.37 -18.35
N SER C 108 -12.30 -1.29 -17.46
CA SER C 108 -11.50 -1.69 -16.29
C SER C 108 -11.18 -0.65 -15.23
N LEU C 109 -12.16 -0.32 -14.38
CA LEU C 109 -11.96 0.51 -13.18
C LEU C 109 -10.90 1.62 -13.29
N GLU C 110 -11.22 2.67 -14.03
CA GLU C 110 -10.31 3.80 -14.22
C GLU C 110 -11.04 5.14 -14.19
N LEU C 111 -10.42 6.12 -13.54
CA LEU C 111 -10.87 7.50 -13.59
C LEU C 111 -9.95 8.28 -14.53
N THR C 112 -10.35 9.49 -14.89
CA THR C 112 -9.51 10.36 -15.72
C THR C 112 -9.50 11.79 -15.19
N ALA C 113 -8.39 12.50 -15.42
CA ALA C 113 -8.21 13.86 -14.90
C ALA C 113 -8.79 14.94 -15.82
N ASP C 114 -9.55 14.52 -16.83
CA ASP C 114 -10.32 15.42 -17.67
C ASP C 114 -11.55 15.85 -16.87
N TRP C 115 -11.39 16.93 -16.10
CA TRP C 115 -12.40 17.38 -15.15
C TRP C 115 -13.67 17.84 -15.81
N PHE C 116 -13.53 18.58 -16.91
CA PHE C 116 -14.64 19.19 -17.62
C PHE C 116 -15.60 18.16 -18.21
N ASP C 117 -15.05 17.04 -18.69
CA ASP C 117 -15.82 16.05 -19.42
C ASP C 117 -16.26 14.85 -18.57
N TYR C 118 -15.67 14.70 -17.39
CA TYR C 118 -15.87 13.49 -16.59
C TYR C 118 -16.20 13.73 -15.12
N TRP C 119 -16.18 14.99 -14.68
CA TRP C 119 -16.41 15.30 -13.27
C TRP C 119 -17.45 16.37 -13.05
N GLY C 120 -18.19 16.25 -11.96
CA GLY C 120 -19.13 17.28 -11.52
C GLY C 120 -18.45 18.31 -10.64
N GLN C 121 -19.24 19.26 -10.13
CA GLN C 121 -18.69 20.29 -9.24
C GLN C 121 -18.71 19.90 -7.76
N GLY C 122 -19.44 18.83 -7.45
CA GLY C 122 -19.41 18.24 -6.12
C GLY C 122 -20.45 18.77 -5.15
N THR C 123 -20.69 18.01 -4.10
CA THR C 123 -21.63 18.40 -3.05
C THR C 123 -21.04 18.06 -1.68
N LEU C 124 -21.17 18.98 -0.73
CA LEU C 124 -20.47 18.88 0.55
C LEU C 124 -21.20 18.04 1.60
N VAL C 125 -20.48 17.08 2.16
CA VAL C 125 -20.99 16.25 3.24
C VAL C 125 -20.16 16.48 4.50
N THR C 126 -20.84 16.82 5.60
CA THR C 126 -20.17 17.09 6.86
C THR C 126 -20.81 16.34 8.01
N VAL C 127 -19.99 15.56 8.72
CA VAL C 127 -20.41 14.88 9.94
C VAL C 127 -19.70 15.53 11.12
N SER C 128 -20.49 16.07 12.05
CA SER C 128 -19.99 16.84 13.19
C SER C 128 -19.11 16.06 14.17
N SER C 129 -18.40 16.79 15.02
CA SER C 129 -17.46 16.20 15.98
C SER C 129 -18.16 15.33 17.03
N GLY D 2 17.73 -19.24 35.93
CA GLY D 2 18.69 -18.16 35.56
C GLY D 2 18.09 -16.78 35.69
N SER D 3 18.93 -15.80 35.96
CA SER D 3 18.46 -14.41 36.11
C SER D 3 18.85 -13.53 34.92
N MET D 4 17.83 -12.96 34.30
CA MET D 4 18.00 -12.05 33.18
C MET D 4 17.69 -10.64 33.66
N ALA D 5 18.44 -9.66 33.16
CA ALA D 5 18.21 -8.26 33.46
C ALA D 5 16.90 -7.77 32.86
N GLU D 6 16.21 -6.89 33.58
CA GLU D 6 14.96 -6.31 33.09
C GLU D 6 15.26 -5.21 32.07
N VAL D 7 14.61 -5.30 30.91
CA VAL D 7 14.83 -4.36 29.81
C VAL D 7 14.25 -2.99 30.16
N GLN D 8 15.05 -1.94 29.98
CA GLN D 8 14.62 -0.57 30.23
C GLN D 8 15.06 0.37 29.11
N LEU D 9 14.08 0.95 28.43
CA LEU D 9 14.31 1.95 27.40
C LEU D 9 13.71 3.29 27.85
N LEU D 10 14.56 4.29 28.03
CA LEU D 10 14.13 5.57 28.57
C LEU D 10 14.27 6.72 27.57
N GLU D 11 13.16 7.05 26.91
CA GLU D 11 13.12 8.14 25.94
C GLU D 11 13.18 9.51 26.64
N SER D 12 14.22 10.28 26.32
CA SER D 12 14.44 11.59 26.92
C SER D 12 14.17 12.71 25.90
N GLY D 13 14.16 13.95 26.38
CA GLY D 13 13.92 15.11 25.54
C GLY D 13 12.45 15.28 25.17
N GLY D 14 12.21 15.94 24.04
CA GLY D 14 10.84 16.19 23.56
C GLY D 14 10.17 17.34 24.29
N GLY D 15 8.97 17.69 23.85
CA GLY D 15 8.19 18.75 24.47
C GLY D 15 7.41 19.61 23.49
N LEU D 16 7.34 20.90 23.77
CA LEU D 16 6.58 21.84 22.95
C LEU D 16 7.50 22.71 22.09
N VAL D 17 7.18 22.83 20.81
CA VAL D 17 7.96 23.63 19.86
C VAL D 17 7.08 24.15 18.71
N GLN D 18 7.37 25.37 18.25
CA GLN D 18 6.63 25.96 17.13
C GLN D 18 7.20 25.47 15.79
N PRO D 19 6.34 25.41 14.73
CA PRO D 19 6.74 24.92 13.40
C PRO D 19 8.02 25.56 12.87
N GLY D 20 8.93 24.72 12.40
CA GLY D 20 10.24 25.17 11.91
C GLY D 20 11.33 25.06 12.96
N GLY D 21 10.95 24.62 14.16
CA GLY D 21 11.89 24.47 15.27
C GLY D 21 12.74 23.21 15.17
N SER D 22 13.59 23.01 16.18
CA SER D 22 14.51 21.86 16.20
C SER D 22 14.57 21.18 17.56
N LEU D 23 14.42 19.86 17.56
CA LEU D 23 14.50 19.06 18.79
C LEU D 23 15.49 17.90 18.65
N ARG D 24 16.05 17.48 19.79
CA ARG D 24 16.96 16.34 19.86
C ARG D 24 16.45 15.30 20.85
N LEU D 25 16.07 14.14 20.32
CA LEU D 25 15.59 13.04 21.14
C LEU D 25 16.73 12.07 21.49
N SER D 26 16.75 11.63 22.74
CA SER D 26 17.75 10.68 23.22
C SER D 26 17.10 9.54 23.98
N CYS D 27 17.71 8.36 23.91
CA CYS D 27 17.21 7.19 24.64
C CYS D 27 18.34 6.39 25.29
N ALA D 28 18.27 6.29 26.62
CA ALA D 28 19.19 5.46 27.39
C ALA D 28 18.65 4.03 27.47
N ALA D 29 19.53 3.06 27.20
CA ALA D 29 19.12 1.66 27.15
C ALA D 29 19.94 0.77 28.07
N SER D 30 19.24 -0.14 28.75
CA SER D 30 19.86 -1.17 29.59
C SER D 30 18.99 -2.42 29.66
N GLY D 31 19.62 -3.56 29.95
CA GLY D 31 18.90 -4.84 30.07
C GLY D 31 19.08 -5.79 28.90
N PHE D 32 19.81 -5.34 27.88
CA PHE D 32 20.12 -6.15 26.70
C PHE D 32 21.38 -5.64 25.99
N SER D 33 21.96 -6.46 25.12
CA SER D 33 23.12 -6.04 24.35
C SER D 33 22.73 -5.05 23.26
N PHE D 34 22.82 -3.76 23.62
CA PHE D 34 22.48 -2.66 22.73
C PHE D 34 23.40 -2.63 21.52
N SER D 35 24.64 -3.06 21.71
CA SER D 35 25.68 -3.06 20.68
C SER D 35 25.41 -4.04 19.54
N HIS D 36 24.52 -5.01 19.77
CA HIS D 36 24.19 -6.03 18.76
C HIS D 36 22.75 -5.97 18.33
N SER D 37 22.08 -4.85 18.64
CA SER D 37 20.66 -4.70 18.33
C SER D 37 20.37 -3.51 17.42
N PRO D 38 19.62 -3.75 16.32
CA PRO D 38 19.14 -2.64 15.49
C PRO D 38 18.07 -1.84 16.22
N MET D 39 18.10 -0.52 16.06
CA MET D 39 17.21 0.36 16.81
C MET D 39 16.29 1.21 15.92
N ASN D 40 15.14 1.60 16.49
CA ASN D 40 14.13 2.35 15.76
C ASN D 40 13.47 3.47 16.56
N TRP D 41 12.98 4.47 15.83
CA TRP D 41 12.06 5.46 16.38
C TRP D 41 10.72 5.27 15.74
N VAL D 42 9.68 5.23 16.56
CA VAL D 42 8.30 5.06 16.10
C VAL D 42 7.40 6.09 16.80
N ARG D 43 6.50 6.70 16.04
CA ARG D 43 5.59 7.72 16.59
C ARG D 43 4.12 7.30 16.48
N GLN D 44 3.28 7.88 17.34
CA GLN D 44 1.84 7.59 17.34
C GLN D 44 1.03 8.79 17.84
N ALA D 45 0.05 9.20 17.04
CA ALA D 45 -0.90 10.25 17.43
C ALA D 45 -2.24 9.60 17.81
N PRO D 46 -3.06 10.29 18.63
CA PRO D 46 -4.36 9.74 19.05
C PRO D 46 -5.26 9.38 17.87
N GLY D 47 -5.91 8.21 17.95
CA GLY D 47 -6.79 7.74 16.89
C GLY D 47 -6.08 6.86 15.88
N LYS D 48 -5.10 7.44 15.20
CA LYS D 48 -4.31 6.74 14.18
C LYS D 48 -3.29 5.78 14.79
N GLY D 49 -2.82 4.83 13.97
CA GLY D 49 -1.89 3.80 14.42
C GLY D 49 -0.44 4.23 14.49
N LEU D 50 0.43 3.25 14.74
CA LEU D 50 1.87 3.49 14.86
C LEU D 50 2.50 3.78 13.50
N GLU D 51 3.36 4.79 13.47
CA GLU D 51 4.11 5.13 12.27
C GLU D 51 5.61 5.06 12.54
N TRP D 52 6.28 4.16 11.82
CA TRP D 52 7.73 4.01 11.90
C TRP D 52 8.40 5.24 11.32
N VAL D 53 9.44 5.70 11.99
CA VAL D 53 10.13 6.94 11.62
C VAL D 53 11.52 6.67 11.01
N SER D 54 12.35 5.92 11.75
CA SER D 54 13.72 5.68 11.32
C SER D 54 14.32 4.38 11.85
N TYR D 55 15.34 3.88 11.14
CA TYR D 55 16.02 2.62 11.46
C TYR D 55 17.53 2.80 11.43
N ILE D 56 18.22 2.07 12.30
CA ILE D 56 19.70 2.01 12.29
C ILE D 56 20.19 0.63 12.71
N SER D 57 21.10 0.06 11.93
CA SER D 57 21.72 -1.23 12.23
C SER D 57 22.63 -1.13 13.46
N TYR D 58 23.02 -2.28 14.00
CA TYR D 58 23.84 -2.34 15.21
C TYR D 58 25.17 -1.57 15.07
N ASN D 59 25.73 -1.57 13.86
CA ASN D 59 27.02 -0.93 13.58
C ASN D 59 26.92 0.35 12.75
N SER D 60 25.70 0.86 12.60
CA SER D 60 25.42 2.11 11.86
C SER D 60 25.68 2.01 10.35
N SER D 61 25.86 0.79 9.84
CA SER D 61 26.13 0.57 8.41
C SER D 61 24.87 0.74 7.55
N SER D 62 23.72 0.34 8.10
CA SER D 62 22.44 0.47 7.40
C SER D 62 21.48 1.41 8.14
N ILE D 63 21.09 2.48 7.45
CA ILE D 63 20.22 3.51 8.02
C ILE D 63 19.05 3.81 7.06
N TYR D 64 17.84 3.81 7.59
CA TYR D 64 16.64 4.12 6.78
C TYR D 64 15.70 5.13 7.44
N TYR D 65 14.94 5.83 6.61
CA TYR D 65 13.98 6.83 7.06
C TYR D 65 12.63 6.68 6.36
N ALA D 66 11.57 7.05 7.06
CA ALA D 66 10.23 7.12 6.48
C ALA D 66 10.16 8.31 5.52
N ASP D 67 9.31 8.19 4.49
CA ASP D 67 9.17 9.22 3.46
C ASP D 67 8.91 10.62 4.00
N SER D 68 7.99 10.71 4.97
CA SER D 68 7.55 11.99 5.53
C SER D 68 8.64 12.79 6.24
N VAL D 69 9.64 12.10 6.76
CA VAL D 69 10.71 12.73 7.54
C VAL D 69 12.04 12.83 6.79
N LYS D 70 12.12 12.19 5.62
CA LYS D 70 13.34 12.18 4.82
C LYS D 70 13.90 13.58 4.56
N GLY D 71 15.18 13.75 4.92
CA GLY D 71 15.86 15.04 4.76
C GLY D 71 15.74 15.95 5.97
N ARG D 72 14.74 15.68 6.81
CA ARG D 72 14.47 16.51 7.99
C ARG D 72 14.94 15.87 9.29
N PHE D 73 14.87 14.54 9.35
CA PHE D 73 15.19 13.78 10.56
C PHE D 73 16.49 12.98 10.38
N THR D 74 17.27 12.87 11.45
CA THR D 74 18.52 12.11 11.39
C THR D 74 18.75 11.22 12.61
N ILE D 75 18.90 9.92 12.37
CA ILE D 75 19.15 8.94 13.43
C ILE D 75 20.66 8.72 13.61
N SER D 76 21.05 8.39 14.84
CA SER D 76 22.45 8.05 15.17
C SER D 76 22.52 7.27 16.48
N ARG D 77 23.67 6.65 16.74
CA ARG D 77 23.86 5.83 17.93
C ARG D 77 25.28 5.85 18.48
N ASP D 78 25.40 5.61 19.79
CA ASP D 78 26.70 5.49 20.45
C ASP D 78 26.67 4.26 21.35
N ASN D 79 27.31 3.18 20.88
CA ASN D 79 27.26 1.89 21.57
C ASN D 79 28.01 1.83 22.90
N SER D 80 29.05 2.66 23.04
CA SER D 80 29.84 2.73 24.26
C SER D 80 29.07 3.40 25.40
N LYS D 81 28.13 4.27 25.02
CA LYS D 81 27.27 4.96 25.99
C LYS D 81 25.88 4.34 26.08
N ASN D 82 25.60 3.37 25.20
CA ASN D 82 24.28 2.73 25.08
C ASN D 82 23.14 3.72 24.86
N THR D 83 23.37 4.69 23.97
CA THR D 83 22.42 5.76 23.72
C THR D 83 22.04 5.87 22.25
N LEU D 84 20.75 5.99 21.98
CA LEU D 84 20.22 6.24 20.65
C LEU D 84 19.81 7.71 20.54
N TYR D 85 20.03 8.29 19.37
CA TYR D 85 19.72 9.71 19.14
C TYR D 85 18.84 9.93 17.91
N LEU D 86 18.04 11.01 17.95
CA LEU D 86 17.24 11.45 16.82
C LEU D 86 17.22 12.97 16.73
N GLN D 87 17.80 13.50 15.66
CA GLN D 87 17.83 14.94 15.42
C GLN D 87 16.64 15.33 14.53
N MET D 88 15.77 16.18 15.07
CA MET D 88 14.55 16.60 14.37
C MET D 88 14.66 18.06 13.93
N ASN D 89 14.65 18.27 12.61
CA ASN D 89 14.73 19.60 12.00
C ASN D 89 13.53 19.92 11.11
N SER D 90 13.32 21.21 10.85
CA SER D 90 12.24 21.70 10.00
C SER D 90 10.89 21.09 10.35
N LEU D 91 10.55 21.16 11.64
CA LEU D 91 9.34 20.53 12.19
C LEU D 91 8.05 21.17 11.69
N ARG D 92 7.02 20.34 11.52
CA ARG D 92 5.70 20.80 11.11
C ARG D 92 4.59 20.14 11.93
N ALA D 93 3.37 20.66 11.79
CA ALA D 93 2.22 20.21 12.59
C ALA D 93 1.96 18.70 12.53
N GLU D 94 2.31 18.07 11.41
CA GLU D 94 2.10 16.63 11.22
C GLU D 94 3.01 15.75 12.08
N ASP D 95 4.13 16.33 12.54
CA ASP D 95 5.12 15.60 13.34
C ASP D 95 4.68 15.36 14.79
N THR D 96 3.58 15.98 15.19
CA THR D 96 3.05 15.87 16.56
C THR D 96 2.60 14.45 16.88
N ALA D 97 3.32 13.83 17.82
CA ALA D 97 3.04 12.46 18.26
C ALA D 97 3.85 12.08 19.50
N VAL D 98 3.50 10.96 20.12
CA VAL D 98 4.29 10.38 21.20
C VAL D 98 5.37 9.51 20.57
N TYR D 99 6.63 9.83 20.85
CA TYR D 99 7.77 9.17 20.20
C TYR D 99 8.39 8.06 21.05
N TYR D 100 8.34 6.85 20.50
CA TYR D 100 8.86 5.66 21.18
C TYR D 100 10.16 5.19 20.54
N CYS D 101 11.08 4.73 21.39
CA CYS D 101 12.27 4.04 20.92
C CYS D 101 11.97 2.54 20.91
N ALA D 102 12.10 1.93 19.73
CA ALA D 102 11.76 0.52 19.54
C ALA D 102 12.95 -0.35 19.19
N ARG D 103 13.19 -1.35 20.02
CA ARG D 103 14.20 -2.37 19.76
C ARG D 103 13.72 -3.27 18.64
N GLY D 104 14.53 -3.41 17.59
CA GLY D 104 14.17 -4.21 16.42
C GLY D 104 14.68 -5.64 16.48
N LEU D 105 14.07 -6.52 15.69
CA LEU D 105 14.51 -7.91 15.59
C LEU D 105 15.79 -7.99 14.77
N THR D 106 16.62 -8.98 15.09
CA THR D 106 17.95 -9.11 14.49
C THR D 106 17.95 -9.32 12.97
N GLU D 107 16.92 -9.97 12.46
CA GLU D 107 16.83 -10.25 11.02
C GLU D 107 15.77 -9.42 10.29
N SER D 108 16.24 -8.66 9.30
CA SER D 108 15.39 -8.03 8.26
C SER D 108 14.22 -7.13 8.72
N LEU D 109 14.54 -5.94 9.22
CA LEU D 109 13.55 -4.88 9.50
C LEU D 109 12.21 -5.36 10.07
N GLU D 110 12.21 -5.76 11.34
CA GLU D 110 10.98 -6.21 12.00
C GLU D 110 10.84 -5.62 13.41
N LEU D 111 9.62 -5.23 13.74
CA LEU D 111 9.29 -4.78 15.09
C LEU D 111 8.51 -5.87 15.82
N THR D 112 8.33 -5.71 17.14
CA THR D 112 7.65 -6.71 17.94
C THR D 112 6.59 -6.08 18.85
N ALA D 113 5.48 -6.80 19.02
CA ALA D 113 4.39 -6.37 19.89
C ALA D 113 4.68 -6.66 21.37
N ASP D 114 5.84 -7.25 21.64
CA ASP D 114 6.33 -7.44 23.01
C ASP D 114 6.77 -6.08 23.57
N TRP D 115 5.85 -5.41 24.25
CA TRP D 115 6.08 -4.06 24.76
C TRP D 115 7.08 -4.02 25.88
N PHE D 116 6.98 -4.99 26.80
CA PHE D 116 7.83 -5.04 27.99
C PHE D 116 9.32 -5.15 27.67
N ASP D 117 9.67 -5.85 26.60
CA ASP D 117 11.07 -6.18 26.29
C ASP D 117 11.65 -5.41 25.11
N TYR D 118 10.81 -4.77 24.30
CA TYR D 118 11.25 -4.12 23.06
C TYR D 118 10.86 -2.65 22.93
N TRP D 119 10.10 -2.14 23.92
CA TRP D 119 9.57 -0.78 23.85
C TRP D 119 9.75 0.02 25.10
N GLY D 120 9.98 1.33 24.93
CA GLY D 120 10.01 2.26 26.05
C GLY D 120 8.63 2.83 26.33
N GLN D 121 8.56 3.83 27.20
CA GLN D 121 7.30 4.47 27.55
C GLN D 121 6.95 5.64 26.64
N GLY D 122 7.97 6.21 26.01
CA GLY D 122 7.78 7.26 25.00
C GLY D 122 7.84 8.68 25.52
N THR D 123 8.31 9.58 24.67
CA THR D 123 8.34 11.01 24.99
C THR D 123 7.40 11.79 24.05
N LEU D 124 6.71 12.77 24.62
CA LEU D 124 5.73 13.56 23.87
C LEU D 124 6.40 14.72 23.13
N VAL D 125 6.14 14.80 21.82
CA VAL D 125 6.60 15.91 21.00
C VAL D 125 5.39 16.59 20.37
N THR D 126 5.21 17.87 20.69
CA THR D 126 4.08 18.67 20.19
C THR D 126 4.57 19.78 19.27
N VAL D 127 3.91 19.93 18.13
CA VAL D 127 4.19 21.04 17.21
C VAL D 127 2.92 21.88 17.02
N SER D 128 2.92 23.08 17.59
CA SER D 128 1.76 23.97 17.53
C SER D 128 1.64 24.66 16.18
ZN ZN E . -29.14 -11.87 -22.95
ZN ZN F . -12.95 -5.23 -17.47
ZN ZN G . 1.85 4.54 -7.75
ZN ZN H . 3.07 21.48 -7.78
ZN ZN I . 36.88 -6.01 8.64
ZN ZN J . 18.92 -8.56 6.26
ZN ZN K . -1.08 -6.42 5.50
ZN ZN L . -10.76 -4.66 19.81
#